data_7G8Q
#
_entry.id   7G8Q
#
_cell.length_a   71.177
_cell.length_b   71.177
_cell.length_c   196.336
_cell.angle_alpha   90.000
_cell.angle_beta   90.000
_cell.angle_gamma   90.000
#
_symmetry.space_group_name_H-M   'P 43 21 2'
#
loop_
_entity.id
_entity.type
_entity.pdbx_description
1 polymer 'Transforming protein RhoA'
2 polymer 'Rho guanine nucleotide exchange factor 2'
3 non-polymer 8-(methanesulfonyl)quinoline
4 non-polymer 'DIMETHYL SULFOXIDE'
5 non-polymer 'FORMIC ACID'
6 water water
#
loop_
_entity_poly.entity_id
_entity_poly.type
_entity_poly.pdbx_seq_one_letter_code
_entity_poly.pdbx_strand_id
1 'polypeptide(L)'
;SMAAIRKKLVIVGDGACGKTCLLIVFSKDQFPEVYVPTVFENYVADIEVDGKQVELALWDTAGQEDYDRLRPLSYPDTDV
ILMCFSIDSPDSLENIPEKWTPEVKHFCPNVPIILVGNKKDLRNDEHTRRELAKMKQEPVKPEEGRDMANRIGAFGYMEC
SAKTKDGVREVFEMATRAALQARRG
;
A
2 'polypeptide(L)'
;SMEMDEKDFAADSWSLAVDSSFLQQHKKEVMKQQDVIYELIQTELHHVRTLKIMTRLFRTGMLEELHLEPGVVQGLFPCV
DELSDIHTRFLSQLLERRRQALCPGSTRNFVIHRLGDLLISQFSGPSAEQMCKTYSEFCSRHSKALKLYKELYARDKRFQ
QFIRKVTRPAVLKRHGVQECILLVTQRITKYPLLISRILQHSHGIEEERQDLTTALGLVKELLSNVDEGIYQLEKGARLQ
EIYNR
;
B
#
# COMPACT_ATOMS: atom_id res chain seq x y z
N ALA A 4 10.25 -17.38 -15.42
CA ALA A 4 10.04 -17.21 -13.97
C ALA A 4 8.57 -17.35 -13.62
N ILE A 5 8.28 -17.98 -12.48
CA ILE A 5 6.90 -18.15 -12.04
C ILE A 5 6.56 -16.98 -11.11
N ARG A 6 5.32 -16.51 -11.14
CA ARG A 6 4.88 -15.39 -10.32
C ARG A 6 4.26 -15.88 -9.01
N LYS A 7 4.69 -15.33 -7.87
CA LYS A 7 4.15 -15.69 -6.56
C LYS A 7 3.81 -14.41 -5.82
N LYS A 8 2.86 -14.49 -4.87
CA LYS A 8 2.43 -13.32 -4.12
C LYS A 8 2.69 -13.50 -2.61
N LEU A 9 3.28 -12.47 -1.99
CA LEU A 9 3.62 -12.47 -0.57
C LEU A 9 2.85 -11.31 0.08
N VAL A 10 2.25 -11.55 1.27
CA VAL A 10 1.62 -10.48 2.03
C VAL A 10 2.18 -10.53 3.45
N ILE A 11 2.48 -9.34 4.02
CA ILE A 11 2.97 -9.27 5.39
CA ILE A 11 2.97 -9.25 5.40
C ILE A 11 1.87 -8.71 6.30
N VAL A 12 1.66 -9.41 7.42
CA VAL A 12 0.64 -9.04 8.39
CA VAL A 12 0.62 -9.12 8.39
C VAL A 12 1.28 -8.88 9.78
N GLY A 13 0.59 -8.17 10.66
CA GLY A 13 1.09 -7.92 12.00
C GLY A 13 0.60 -6.58 12.52
N ASP A 14 0.81 -6.33 13.82
CA ASP A 14 0.37 -5.09 14.43
C ASP A 14 1.07 -3.87 13.83
N GLY A 15 0.46 -2.69 14.03
CA GLY A 15 1.01 -1.43 13.54
C GLY A 15 2.47 -1.18 13.89
N ALA A 16 2.93 -1.59 15.08
CA ALA A 16 4.34 -1.32 15.47
C ALA A 16 5.31 -2.48 15.19
N CYS A 17 4.93 -3.45 14.37
CA CYS A 17 5.75 -4.64 14.17
C CYS A 17 6.96 -4.44 13.23
N GLY A 18 7.03 -3.35 12.46
CA GLY A 18 8.14 -3.10 11.53
C GLY A 18 7.98 -3.71 10.14
N LYS A 19 6.75 -4.15 9.78
CA LYS A 19 6.53 -4.75 8.48
CA LYS A 19 6.53 -4.76 8.46
C LYS A 19 6.84 -3.82 7.31
N THR A 20 6.48 -2.52 7.43
CA THR A 20 6.73 -1.59 6.32
C THR A 20 8.23 -1.43 6.10
N CYS A 21 8.97 -1.23 7.18
CA CYS A 21 10.42 -1.07 7.09
CA CYS A 21 10.41 -1.07 7.09
C CYS A 21 11.09 -2.30 6.50
N LEU A 22 10.59 -3.48 6.85
CA LEU A 22 11.18 -4.73 6.34
C LEU A 22 11.04 -4.82 4.81
N LEU A 23 9.85 -4.48 4.27
CA LEU A 23 9.64 -4.51 2.81
C LEU A 23 10.50 -3.44 2.11
N ILE A 24 10.63 -2.26 2.74
CA ILE A 24 11.44 -1.19 2.13
C ILE A 24 12.91 -1.63 2.03
N VAL A 25 13.45 -2.13 3.14
CA VAL A 25 14.86 -2.52 3.17
C VAL A 25 15.15 -3.66 2.21
N PHE A 26 14.26 -4.65 2.11
CA PHE A 26 14.49 -5.76 1.18
C PHE A 26 14.44 -5.25 -0.27
N SER A 27 13.41 -4.45 -0.61
CA SER A 27 13.21 -4.02 -1.98
C SER A 27 14.30 -3.09 -2.49
N LYS A 28 14.95 -2.33 -1.60
CA LYS A 28 16.06 -1.45 -2.00
C LYS A 28 17.44 -2.09 -1.73
N ASP A 29 17.50 -3.22 -0.97
CA ASP A 29 18.75 -3.87 -0.50
C ASP A 29 19.58 -2.83 0.27
N GLN A 30 18.91 -1.99 1.09
CA GLN A 30 19.59 -0.91 1.79
C GLN A 30 18.66 -0.31 2.85
N PHE A 31 19.19 0.08 4.02
CA PHE A 31 18.38 0.81 4.98
C PHE A 31 18.59 2.27 4.51
N PRO A 32 17.52 2.95 4.03
CA PRO A 32 17.69 4.32 3.50
C PRO A 32 18.50 5.27 4.38
N GLU A 33 19.50 5.92 3.80
CA GLU A 33 20.37 6.82 4.57
C GLU A 33 19.84 8.23 4.71
N VAL A 34 18.94 8.66 3.81
CA VAL A 34 18.46 10.04 3.84
C VAL A 34 17.00 10.14 4.32
N TYR A 35 16.13 9.30 3.77
CA TYR A 35 14.71 9.36 4.13
C TYR A 35 14.12 7.98 4.17
N VAL A 36 13.50 7.62 5.30
CA VAL A 36 12.84 6.33 5.40
C VAL A 36 11.36 6.54 5.01
N PRO A 37 10.88 5.94 3.91
CA PRO A 37 9.48 6.13 3.51
C PRO A 37 8.46 5.78 4.59
N THR A 38 7.35 6.52 4.62
CA THR A 38 6.26 6.24 5.55
C THR A 38 5.44 5.04 5.06
N VAL A 39 5.26 4.91 3.72
CA VAL A 39 4.44 3.83 3.18
C VAL A 39 5.18 3.01 2.12
N PHE A 40 4.61 1.86 1.77
CA PHE A 40 5.15 0.96 0.77
C PHE A 40 3.97 0.66 -0.20
N GLU A 41 4.15 0.91 -1.52
CA GLU A 41 3.06 0.71 -2.49
C GLU A 41 2.98 -0.81 -2.83
N ASN A 42 3.91 -1.28 -3.65
CA ASN A 42 4.11 -2.72 -3.94
C ASN A 42 5.49 -2.83 -4.60
N TYR A 43 5.91 -4.06 -4.90
CA TYR A 43 7.19 -4.29 -5.55
C TYR A 43 7.15 -5.71 -6.09
N VAL A 44 7.89 -5.96 -7.17
CA VAL A 44 7.98 -7.32 -7.71
C VAL A 44 9.46 -7.66 -7.72
N ALA A 45 9.91 -8.49 -6.76
CA ALA A 45 11.33 -8.83 -6.63
C ALA A 45 11.72 -9.99 -7.52
N ASP A 46 12.90 -9.93 -8.15
CA ASP A 46 13.41 -11.06 -8.94
C ASP A 46 14.29 -11.84 -7.98
N ILE A 47 13.90 -13.07 -7.67
CA ILE A 47 14.62 -13.90 -6.69
CA ILE A 47 14.67 -13.87 -6.74
C ILE A 47 14.92 -15.25 -7.30
N GLU A 48 16.13 -15.77 -7.11
CA GLU A 48 16.46 -17.12 -7.57
CA GLU A 48 16.47 -17.11 -7.58
C GLU A 48 16.82 -17.90 -6.32
N VAL A 49 16.01 -18.90 -5.98
CA VAL A 49 16.26 -19.66 -4.76
C VAL A 49 16.37 -21.13 -5.10
N ASP A 50 17.50 -21.77 -4.73
CA ASP A 50 17.75 -23.18 -5.00
C ASP A 50 17.58 -23.52 -6.50
N GLY A 51 18.06 -22.61 -7.35
CA GLY A 51 18.04 -22.80 -8.79
C GLY A 51 16.74 -22.45 -9.48
N LYS A 52 15.73 -22.00 -8.74
CA LYS A 52 14.43 -21.65 -9.35
C LYS A 52 14.21 -20.14 -9.38
N GLN A 53 13.82 -19.60 -10.56
CA GLN A 53 13.59 -18.17 -10.69
CA GLN A 53 13.60 -18.17 -10.71
C GLN A 53 12.14 -17.83 -10.43
N VAL A 54 11.92 -16.83 -9.53
CA VAL A 54 10.56 -16.41 -9.19
C VAL A 54 10.41 -14.89 -9.24
N GLU A 55 9.25 -14.40 -9.69
CA GLU A 55 8.90 -12.97 -9.58
C GLU A 55 8.01 -12.94 -8.33
N LEU A 56 8.48 -12.33 -7.25
CA LEU A 56 7.74 -12.34 -5.99
C LEU A 56 7.12 -10.99 -5.72
N ALA A 57 5.79 -10.89 -5.90
CA ALA A 57 5.09 -9.64 -5.65
C ALA A 57 4.95 -9.44 -4.14
N LEU A 58 5.29 -8.24 -3.64
CA LEU A 58 5.29 -7.96 -2.21
C LEU A 58 4.21 -6.93 -1.84
N TRP A 59 3.43 -7.21 -0.77
CA TRP A 59 2.36 -6.33 -0.34
C TRP A 59 2.38 -6.13 1.17
N ASP A 60 2.04 -4.92 1.62
CA ASP A 60 1.96 -4.52 3.04
C ASP A 60 0.46 -4.38 3.42
N THR A 61 0.12 -4.68 4.68
CA THR A 61 -1.24 -4.45 5.19
C THR A 61 -1.24 -3.23 6.15
N ALA A 62 -0.13 -2.46 6.25
CA ALA A 62 -0.06 -1.28 7.11
C ALA A 62 -1.18 -0.31 6.73
N GLY A 63 -1.85 0.24 7.74
CA GLY A 63 -2.99 1.14 7.56
C GLY A 63 -4.33 0.44 7.53
N GLN A 64 -4.35 -0.89 7.31
CA GLN A 64 -5.60 -1.65 7.23
C GLN A 64 -6.01 -2.32 8.57
N GLU A 65 -5.17 -2.16 9.62
CA GLU A 65 -5.40 -2.85 10.90
C GLU A 65 -6.75 -2.58 11.56
N ASP A 66 -7.28 -1.36 11.40
CA ASP A 66 -8.57 -0.99 12.04
C ASP A 66 -9.80 -1.22 11.15
N TYR A 67 -9.61 -1.71 9.90
CA TYR A 67 -10.67 -1.82 8.91
C TYR A 67 -10.87 -3.26 8.48
N ASP A 68 -11.76 -3.97 9.21
CA ASP A 68 -11.99 -5.41 9.04
C ASP A 68 -12.60 -5.85 7.71
N ARG A 69 -13.24 -4.94 6.97
CA ARG A 69 -13.78 -5.29 5.64
C ARG A 69 -12.84 -4.89 4.50
N LEU A 70 -11.97 -3.87 4.73
CA LEU A 70 -11.02 -3.50 3.69
C LEU A 70 -9.82 -4.43 3.75
N ARG A 71 -9.34 -4.78 4.95
CA ARG A 71 -8.12 -5.56 5.11
C ARG A 71 -8.10 -6.90 4.35
N PRO A 72 -9.19 -7.69 4.40
CA PRO A 72 -9.15 -8.99 3.70
C PRO A 72 -9.02 -8.89 2.18
N LEU A 73 -9.28 -7.69 1.61
CA LEU A 73 -9.07 -7.51 0.17
C LEU A 73 -7.60 -7.67 -0.25
N SER A 74 -6.67 -7.63 0.72
CA SER A 74 -5.26 -7.84 0.44
C SER A 74 -4.93 -9.34 0.25
N TYR A 75 -5.77 -10.26 0.76
CA TYR A 75 -5.45 -11.69 0.79
C TYR A 75 -5.65 -12.55 -0.49
N PRO A 76 -6.59 -12.26 -1.44
CA PRO A 76 -6.78 -13.21 -2.57
C PRO A 76 -5.51 -13.66 -3.27
N ASP A 77 -5.42 -14.98 -3.49
CA ASP A 77 -4.33 -15.64 -4.20
C ASP A 77 -2.95 -15.42 -3.60
N THR A 78 -2.89 -15.22 -2.27
CA THR A 78 -1.60 -15.13 -1.60
C THR A 78 -0.95 -16.54 -1.60
N ASP A 79 0.36 -16.61 -1.86
CA ASP A 79 1.14 -17.85 -1.88
C ASP A 79 1.97 -18.06 -0.60
N VAL A 80 2.32 -16.96 0.11
CA VAL A 80 3.08 -17.06 1.36
C VAL A 80 2.73 -15.86 2.23
N ILE A 81 2.55 -16.10 3.54
CA ILE A 81 2.30 -15.04 4.50
C ILE A 81 3.53 -14.84 5.40
N LEU A 82 4.00 -13.60 5.58
CA LEU A 82 4.97 -13.29 6.62
C LEU A 82 4.12 -12.71 7.77
N MET A 83 4.15 -13.35 8.93
CA MET A 83 3.38 -12.88 10.08
CA MET A 83 3.38 -12.94 10.11
C MET A 83 4.38 -12.33 11.06
N CYS A 84 4.35 -11.02 11.22
CA CYS A 84 5.35 -10.31 11.94
CA CYS A 84 5.36 -10.26 11.96
C CYS A 84 4.97 -9.80 13.34
N PHE A 85 5.98 -9.76 14.23
CA PHE A 85 5.89 -9.18 15.57
C PHE A 85 7.23 -8.49 15.82
N SER A 86 7.27 -7.54 16.77
CA SER A 86 8.54 -6.90 17.06
C SER A 86 9.13 -7.53 18.34
N ILE A 87 10.44 -7.85 18.32
CA ILE A 87 11.13 -8.43 19.49
C ILE A 87 11.15 -7.43 20.69
N ASP A 88 11.07 -6.12 20.40
CA ASP A 88 10.97 -5.11 21.47
C ASP A 88 9.52 -4.93 22.00
N SER A 89 8.59 -5.82 21.58
CA SER A 89 7.20 -5.70 21.98
C SER A 89 6.56 -7.05 22.24
N PRO A 90 6.72 -7.60 23.47
CA PRO A 90 6.02 -8.86 23.82
C PRO A 90 4.51 -8.79 23.56
N ASP A 91 3.89 -7.57 23.63
CA ASP A 91 2.47 -7.35 23.33
C ASP A 91 2.14 -7.71 21.87
N SER A 92 3.02 -7.35 20.92
CA SER A 92 2.78 -7.71 19.51
C SER A 92 2.80 -9.25 19.33
N LEU A 93 3.60 -9.98 20.15
CA LEU A 93 3.66 -11.44 20.03
C LEU A 93 2.38 -12.07 20.59
N GLU A 94 1.81 -11.49 21.67
CA GLU A 94 0.59 -11.96 22.31
C GLU A 94 -0.65 -11.87 21.37
N ASN A 95 -0.71 -10.89 20.48
CA ASN A 95 -1.82 -10.72 19.54
C ASN A 95 -1.74 -11.68 18.33
N ILE A 96 -0.63 -12.43 18.18
CA ILE A 96 -0.49 -13.35 17.06
C ILE A 96 -1.52 -14.50 17.09
N PRO A 97 -1.65 -15.29 18.19
CA PRO A 97 -2.46 -16.52 18.11
C PRO A 97 -3.97 -16.40 17.98
N GLU A 98 -4.59 -15.40 18.58
CA GLU A 98 -6.04 -15.35 18.55
C GLU A 98 -6.62 -14.16 17.76
N LYS A 99 -5.78 -13.35 17.10
CA LYS A 99 -6.27 -12.29 16.23
C LYS A 99 -5.76 -12.56 14.79
N TRP A 100 -4.44 -12.41 14.56
CA TRP A 100 -3.89 -12.59 13.24
C TRP A 100 -3.96 -14.02 12.69
N THR A 101 -3.70 -15.04 13.54
CA THR A 101 -3.67 -16.42 13.05
C THR A 101 -5.06 -16.88 12.55
N PRO A 102 -6.17 -16.76 13.32
CA PRO A 102 -7.46 -17.23 12.78
C PRO A 102 -7.89 -16.46 11.52
N GLU A 103 -7.49 -15.17 11.39
CA GLU A 103 -7.85 -14.40 10.19
C GLU A 103 -7.13 -14.96 8.95
N VAL A 104 -5.82 -15.18 9.07
CA VAL A 104 -5.04 -15.66 7.94
C VAL A 104 -5.45 -17.08 7.59
N LYS A 105 -5.77 -17.92 8.61
CA LYS A 105 -6.18 -19.30 8.29
C LYS A 105 -7.53 -19.32 7.55
N HIS A 106 -8.39 -18.36 7.82
CA HIS A 106 -9.71 -18.27 7.20
C HIS A 106 -9.60 -17.82 5.75
N PHE A 107 -8.92 -16.67 5.51
CA PHE A 107 -8.81 -16.07 4.16
C PHE A 107 -7.73 -16.71 3.26
N CYS A 108 -6.72 -17.36 3.86
CA CYS A 108 -5.60 -17.98 3.12
C CYS A 108 -5.44 -19.45 3.54
N PRO A 109 -6.47 -20.30 3.33
CA PRO A 109 -6.36 -21.69 3.79
C PRO A 109 -5.22 -22.41 3.09
N ASN A 110 -4.44 -23.15 3.88
CA ASN A 110 -3.33 -23.96 3.38
C ASN A 110 -2.12 -23.13 2.89
N VAL A 111 -2.12 -21.82 3.12
CA VAL A 111 -1.00 -20.98 2.68
C VAL A 111 0.06 -21.02 3.79
N PRO A 112 1.34 -21.29 3.47
CA PRO A 112 2.35 -21.33 4.55
C PRO A 112 2.52 -19.98 5.22
N ILE A 113 2.66 -19.99 6.54
CA ILE A 113 2.90 -18.81 7.36
C ILE A 113 4.31 -18.88 7.92
N ILE A 114 5.11 -17.84 7.74
CA ILE A 114 6.42 -17.80 8.38
C ILE A 114 6.30 -16.73 9.47
N LEU A 115 6.51 -17.12 10.76
CA LEU A 115 6.44 -16.15 11.85
C LEU A 115 7.83 -15.48 11.89
N VAL A 116 7.85 -14.14 11.86
CA VAL A 116 9.09 -13.37 11.78
C VAL A 116 9.20 -12.42 12.97
N GLY A 117 10.27 -12.58 13.73
CA GLY A 117 10.57 -11.66 14.82
C GLY A 117 11.42 -10.53 14.26
N ASN A 118 10.86 -9.32 14.15
CA ASN A 118 11.54 -8.13 13.61
C ASN A 118 12.31 -7.35 14.70
N LYS A 119 13.19 -6.42 14.29
CA LYS A 119 13.93 -5.56 15.19
C LYS A 119 14.77 -6.39 16.19
N LYS A 120 15.41 -7.47 15.73
CA LYS A 120 16.17 -8.33 16.65
C LYS A 120 17.36 -7.61 17.31
N ASP A 121 17.81 -6.49 16.69
CA ASP A 121 18.91 -5.63 17.21
C ASP A 121 18.52 -4.99 18.56
N LEU A 122 17.22 -4.89 18.88
CA LEU A 122 16.77 -4.28 20.14
C LEU A 122 16.79 -5.24 21.35
N ARG A 123 17.06 -6.52 21.11
CA ARG A 123 17.14 -7.52 22.18
C ARG A 123 18.24 -7.15 23.19
N ASN A 124 19.33 -6.51 22.72
CA ASN A 124 20.45 -6.08 23.56
C ASN A 124 20.60 -4.56 23.57
N ASP A 125 19.48 -3.84 23.46
CA ASP A 125 19.46 -2.38 23.50
C ASP A 125 19.09 -1.98 24.93
N GLU A 126 19.96 -1.19 25.60
CA GLU A 126 19.71 -0.85 27.00
C GLU A 126 18.48 0.01 27.19
N HIS A 127 18.22 0.95 26.28
CA HIS A 127 17.02 1.78 26.38
C HIS A 127 15.75 0.93 26.30
N THR A 128 15.72 -0.06 25.38
CA THR A 128 14.59 -0.96 25.25
C THR A 128 14.37 -1.77 26.54
N ARG A 129 15.46 -2.32 27.10
CA ARG A 129 15.35 -3.12 28.32
C ARG A 129 14.85 -2.29 29.51
N ARG A 130 15.25 -1.01 29.59
CA ARG A 130 14.79 -0.14 30.67
C ARG A 130 13.31 0.18 30.51
N GLU A 131 12.88 0.56 29.30
CA GLU A 131 11.48 0.89 29.06
C GLU A 131 10.55 -0.29 29.32
N LEU A 132 10.91 -1.49 28.83
CA LEU A 132 10.09 -2.69 29.05
C LEU A 132 10.02 -3.10 30.52
N ALA A 133 11.13 -2.94 31.27
CA ALA A 133 11.17 -3.28 32.71
C ALA A 133 10.18 -2.46 33.56
N LYS A 134 9.76 -1.28 33.08
CA LYS A 134 8.76 -0.46 33.77
C LYS A 134 7.36 -1.10 33.71
N MET A 135 7.09 -1.94 32.68
CA MET A 135 5.83 -2.66 32.56
C MET A 135 5.99 -4.15 32.94
N LYS A 136 7.07 -4.52 33.68
CA LYS A 136 7.41 -5.88 34.10
C LYS A 136 7.62 -6.78 32.87
N GLN A 137 8.27 -6.23 31.83
CA GLN A 137 8.49 -6.97 30.59
C GLN A 137 9.99 -7.04 30.21
N GLU A 138 10.31 -7.87 29.19
CA GLU A 138 11.66 -7.97 28.64
C GLU A 138 11.55 -8.28 27.13
N PRO A 139 12.59 -8.02 26.31
CA PRO A 139 12.49 -8.34 24.88
C PRO A 139 12.17 -9.83 24.68
N VAL A 140 11.43 -10.14 23.61
CA VAL A 140 11.04 -11.51 23.29
C VAL A 140 12.29 -12.40 23.16
N LYS A 141 12.28 -13.54 23.85
CA LYS A 141 13.39 -14.49 23.79
C LYS A 141 13.24 -15.38 22.53
N PRO A 142 14.33 -15.90 21.95
CA PRO A 142 14.18 -16.75 20.75
C PRO A 142 13.27 -17.97 20.97
N GLU A 143 13.36 -18.63 22.14
CA GLU A 143 12.48 -19.76 22.42
C GLU A 143 11.03 -19.36 22.50
N GLU A 144 10.74 -18.10 22.92
CA GLU A 144 9.35 -17.66 22.95
C GLU A 144 8.81 -17.49 21.50
N GLY A 145 9.65 -16.98 20.61
CA GLY A 145 9.26 -16.86 19.22
C GLY A 145 9.05 -18.22 18.58
N ARG A 146 10.01 -19.15 18.78
CA ARG A 146 9.90 -20.51 18.22
C ARG A 146 8.65 -21.22 18.74
N ASP A 147 8.39 -21.14 20.06
CA ASP A 147 7.19 -21.80 20.63
C ASP A 147 5.91 -21.27 20.08
N MET A 148 5.85 -19.95 19.82
CA MET A 148 4.61 -19.38 19.26
C MET A 148 4.44 -19.89 17.82
N ALA A 149 5.53 -19.91 17.04
CA ALA A 149 5.48 -20.39 15.66
C ALA A 149 5.03 -21.86 15.62
N ASN A 150 5.55 -22.67 16.55
CA ASN A 150 5.18 -24.07 16.64
C ASN A 150 3.68 -24.21 16.95
N ARG A 151 3.20 -23.47 17.97
CA ARG A 151 1.81 -23.49 18.42
C ARG A 151 0.80 -23.10 17.31
N ILE A 152 1.13 -22.06 16.52
CA ILE A 152 0.19 -21.59 15.50
C ILE A 152 0.24 -22.38 14.17
N GLY A 153 1.09 -23.39 14.07
CA GLY A 153 1.17 -24.18 12.84
C GLY A 153 1.97 -23.48 11.74
N ALA A 154 2.92 -22.60 12.14
CA ALA A 154 3.74 -21.91 11.15
C ALA A 154 4.66 -22.89 10.42
N PHE A 155 4.94 -22.59 9.14
CA PHE A 155 5.91 -23.31 8.32
C PHE A 155 7.30 -23.23 9.00
N GLY A 156 7.61 -22.09 9.61
CA GLY A 156 8.87 -21.91 10.32
C GLY A 156 8.94 -20.60 11.07
N TYR A 157 10.04 -20.41 11.80
CA TYR A 157 10.29 -19.21 12.59
C TYR A 157 11.62 -18.60 12.16
N MET A 158 11.64 -17.26 11.96
CA MET A 158 12.85 -16.56 11.55
C MET A 158 12.92 -15.22 12.25
N GLU A 159 14.14 -14.67 12.39
CA GLU A 159 14.33 -13.34 12.98
C GLU A 159 15.16 -12.46 12.03
N CYS A 160 15.00 -11.15 12.14
CA CYS A 160 15.74 -10.23 11.30
C CYS A 160 15.80 -8.87 11.92
N SER A 161 16.67 -8.02 11.34
CA SER A 161 16.78 -6.62 11.75
C SER A 161 16.77 -5.77 10.46
N ALA A 162 15.70 -5.02 10.20
CA ALA A 162 15.68 -4.13 9.02
C ALA A 162 16.80 -3.06 9.15
N LYS A 163 17.07 -2.60 10.38
CA LYS A 163 18.10 -1.57 10.65
C LYS A 163 19.49 -1.94 10.14
N THR A 164 19.96 -3.15 10.44
CA THR A 164 21.29 -3.62 10.03
C THR A 164 21.28 -4.51 8.78
N LYS A 165 20.07 -4.89 8.30
CA LYS A 165 19.81 -5.80 7.17
C LYS A 165 20.07 -7.29 7.51
N ASP A 166 20.57 -7.59 8.74
CA ASP A 166 20.84 -8.99 9.09
C ASP A 166 19.59 -9.86 9.06
N GLY A 167 19.67 -10.91 8.27
CA GLY A 167 18.59 -11.88 8.19
C GLY A 167 17.48 -11.53 7.22
N VAL A 168 17.52 -10.32 6.64
CA VAL A 168 16.46 -9.88 5.73
C VAL A 168 16.43 -10.70 4.45
N ARG A 169 17.59 -10.84 3.78
CA ARG A 169 17.62 -11.64 2.55
C ARG A 169 17.14 -13.09 2.78
N GLU A 170 17.60 -13.71 3.90
CA GLU A 170 17.23 -15.08 4.24
C GLU A 170 15.70 -15.25 4.42
N VAL A 171 15.03 -14.23 5.02
CA VAL A 171 13.58 -14.30 5.21
C VAL A 171 12.85 -14.39 3.86
N PHE A 172 13.22 -13.49 2.91
CA PHE A 172 12.54 -13.48 1.62
C PHE A 172 12.91 -14.70 0.75
N GLU A 173 14.14 -15.21 0.86
CA GLU A 173 14.51 -16.42 0.10
C GLU A 173 13.69 -17.61 0.63
N MET A 174 13.57 -17.73 1.97
CA MET A 174 12.78 -18.81 2.56
C MET A 174 11.30 -18.66 2.18
N ALA A 175 10.77 -17.42 2.20
CA ALA A 175 9.37 -17.18 1.80
C ALA A 175 9.14 -17.64 0.36
N THR A 176 10.13 -17.44 -0.50
CA THR A 176 10.03 -17.87 -1.91
C THR A 176 9.96 -19.39 -1.97
N ARG A 177 10.85 -20.08 -1.25
CA ARG A 177 10.81 -21.56 -1.17
C ARG A 177 9.44 -22.06 -0.66
N ALA A 178 8.89 -21.40 0.37
CA ALA A 178 7.57 -21.82 0.92
C ALA A 178 6.47 -21.64 -0.11
N ALA A 179 6.52 -20.50 -0.86
CA ALA A 179 5.53 -20.20 -1.91
C ALA A 179 5.57 -21.23 -3.06
N LEU A 180 6.74 -21.83 -3.31
CA LEU A 180 6.93 -22.82 -4.38
C LEU A 180 6.44 -24.22 -4.00
N GLN A 181 6.33 -24.53 -2.69
CA GLN A 181 5.91 -25.88 -2.26
C GLN A 181 4.46 -26.21 -2.61
N ALA A 182 4.18 -27.49 -2.90
CA ALA A 182 2.82 -27.92 -3.25
C ALA A 182 1.92 -28.01 -2.00
N SER B 1 2.10 9.35 -16.26
CA SER B 1 2.48 10.68 -15.76
CA SER B 1 2.43 10.69 -15.79
C SER B 1 3.16 11.52 -16.85
N MET B 2 3.09 12.84 -16.74
CA MET B 2 3.76 13.72 -17.68
C MET B 2 5.16 14.03 -17.20
N GLU B 3 6.11 14.22 -18.15
CA GLU B 3 7.51 14.35 -17.85
C GLU B 3 7.85 15.44 -16.83
N MET B 4 7.16 16.60 -16.92
CA MET B 4 7.41 17.71 -15.98
CA MET B 4 7.34 17.74 -15.99
C MET B 4 7.21 17.26 -14.53
N ASP B 5 6.11 16.55 -14.24
CA ASP B 5 5.83 16.10 -12.88
C ASP B 5 6.71 14.95 -12.45
N GLU B 6 7.02 14.05 -13.39
CA GLU B 6 7.91 12.90 -13.09
C GLU B 6 9.28 13.42 -12.67
N LYS B 7 9.80 14.40 -13.40
CA LYS B 7 11.11 14.95 -13.06
C LYS B 7 11.06 15.68 -11.71
N ASP B 8 9.98 16.43 -11.46
CA ASP B 8 9.87 17.16 -10.18
C ASP B 8 9.81 16.22 -8.98
N PHE B 9 9.34 14.97 -9.18
CA PHE B 9 9.22 13.97 -8.10
C PHE B 9 10.12 12.74 -8.35
N ALA B 10 11.21 12.92 -9.09
CA ALA B 10 12.16 11.83 -9.38
C ALA B 10 13.01 11.49 -8.14
N ALA B 11 13.38 12.50 -7.33
CA ALA B 11 14.26 12.26 -6.17
C ALA B 11 13.59 11.44 -5.08
N ASP B 12 14.41 10.72 -4.26
CA ASP B 12 13.84 9.91 -3.17
C ASP B 12 13.24 10.75 -2.04
N SER B 13 13.57 12.05 -1.98
CA SER B 13 13.05 12.90 -0.91
C SER B 13 13.02 14.37 -1.33
N TRP B 14 12.34 15.22 -0.54
CA TRP B 14 12.34 16.66 -0.79
C TRP B 14 13.78 17.19 -0.61
N SER B 15 14.51 16.68 0.42
CA SER B 15 15.89 17.15 0.69
CA SER B 15 15.89 17.13 0.70
C SER B 15 16.83 16.88 -0.47
N LEU B 16 16.55 15.84 -1.30
CA LEU B 16 17.36 15.51 -2.50
C LEU B 16 16.78 16.17 -3.76
N ALA B 17 15.49 16.62 -3.73
CA ALA B 17 14.85 17.29 -4.88
C ALA B 17 15.29 18.76 -5.00
N VAL B 18 15.37 19.48 -3.87
CA VAL B 18 15.72 20.91 -3.89
C VAL B 18 17.24 21.11 -4.05
N ASP B 19 17.68 22.33 -4.44
CA ASP B 19 19.12 22.61 -4.54
C ASP B 19 19.73 22.52 -3.13
N SER B 20 20.97 22.01 -3.01
CA SER B 20 21.58 21.92 -1.66
C SER B 20 21.75 23.29 -0.99
N SER B 21 21.96 24.37 -1.78
CA SER B 21 22.07 25.71 -1.21
C SER B 21 20.73 26.21 -0.64
N PHE B 22 19.59 25.69 -1.14
CA PHE B 22 18.27 26.04 -0.65
C PHE B 22 17.99 25.19 0.61
N LEU B 23 18.33 23.89 0.58
CA LEU B 23 18.15 22.98 1.71
C LEU B 23 18.86 23.52 2.95
N GLN B 24 20.08 24.00 2.77
CA GLN B 24 20.89 24.51 3.86
C GLN B 24 20.31 25.75 4.55
N GLN B 25 19.31 26.41 3.95
CA GLN B 25 18.67 27.56 4.57
C GLN B 25 17.57 27.20 5.57
N HIS B 26 17.19 25.91 5.66
CA HIS B 26 16.08 25.51 6.52
C HIS B 26 16.49 24.73 7.75
N LYS B 27 15.70 24.83 8.80
CA LYS B 27 15.89 24.05 10.02
C LYS B 27 15.55 22.59 9.74
N LYS B 28 16.12 21.68 10.55
CA LYS B 28 15.90 20.24 10.43
C LYS B 28 14.40 19.90 10.50
N GLU B 29 13.65 20.57 11.39
CA GLU B 29 12.22 20.26 11.55
C GLU B 29 11.42 20.55 10.27
N VAL B 30 11.79 21.64 9.55
CA VAL B 30 11.15 22.01 8.28
C VAL B 30 11.48 20.96 7.23
N MET B 31 12.75 20.53 7.15
CA MET B 31 13.15 19.48 6.22
CA MET B 31 13.17 19.47 6.24
C MET B 31 12.34 18.20 6.47
N LYS B 32 12.18 17.78 7.76
CA LYS B 32 11.42 16.56 8.06
C LYS B 32 9.95 16.69 7.62
N GLN B 33 9.33 17.86 7.89
CA GLN B 33 7.94 18.08 7.46
C GLN B 33 7.86 18.02 5.91
N GLN B 34 8.77 18.72 5.21
CA GLN B 34 8.72 18.77 3.74
C GLN B 34 8.97 17.40 3.10
N ASP B 35 9.86 16.60 3.69
CA ASP B 35 10.11 15.24 3.14
C ASP B 35 8.77 14.40 3.16
N VAL B 36 7.94 14.51 4.23
CA VAL B 36 6.71 13.69 4.28
C VAL B 36 5.65 14.26 3.32
N ILE B 37 5.55 15.61 3.24
CA ILE B 37 4.60 16.22 2.28
C ILE B 37 4.97 15.79 0.85
N TYR B 38 6.27 15.78 0.56
CA TYR B 38 6.77 15.34 -0.76
C TYR B 38 6.37 13.86 -1.01
N GLU B 39 6.49 13.01 0.01
CA GLU B 39 6.08 11.59 -0.17
C GLU B 39 4.57 11.50 -0.43
N LEU B 40 3.74 12.35 0.23
CA LEU B 40 2.28 12.30 -0.01
C LEU B 40 2.01 12.66 -1.52
N ILE B 41 2.66 13.73 -2.00
CA ILE B 41 2.40 14.18 -3.39
C ILE B 41 2.97 13.18 -4.38
N GLN B 42 4.17 12.68 -4.13
CA GLN B 42 4.81 11.70 -5.02
C GLN B 42 3.95 10.43 -5.12
N THR B 43 3.47 9.90 -3.98
CA THR B 43 2.61 8.69 -4.03
C THR B 43 1.24 8.98 -4.66
N GLU B 44 0.74 10.23 -4.52
CA GLU B 44 -0.52 10.59 -5.19
C GLU B 44 -0.30 10.65 -6.71
N LEU B 45 0.85 11.19 -7.16
CA LEU B 45 1.19 11.21 -8.60
C LEU B 45 1.22 9.75 -9.16
N HIS B 46 1.83 8.83 -8.41
CA HIS B 46 1.90 7.43 -8.83
C HIS B 46 0.51 6.74 -8.81
N HIS B 47 -0.33 7.14 -7.88
CA HIS B 47 -1.69 6.55 -7.76
C HIS B 47 -2.54 7.00 -8.97
N VAL B 48 -2.41 8.29 -9.36
CA VAL B 48 -3.11 8.78 -10.56
C VAL B 48 -2.55 8.04 -11.80
N ARG B 49 -1.25 7.79 -11.84
CA ARG B 49 -0.62 7.02 -12.92
C ARG B 49 -1.20 5.58 -12.99
N THR B 50 -1.40 4.92 -11.84
CA THR B 50 -2.02 3.58 -11.78
C THR B 50 -3.43 3.64 -12.41
N LEU B 51 -4.19 4.70 -12.08
CA LEU B 51 -5.54 4.85 -12.64
C LEU B 51 -5.48 5.10 -14.17
N LYS B 52 -4.46 5.82 -14.67
CA LYS B 52 -4.34 6.04 -16.13
C LYS B 52 -3.98 4.73 -16.82
N ILE B 53 -3.15 3.88 -16.21
CA ILE B 53 -2.87 2.55 -16.80
C ILE B 53 -4.20 1.75 -16.91
N MET B 54 -5.00 1.78 -15.85
CA MET B 54 -6.29 1.07 -15.86
C MET B 54 -7.24 1.63 -16.94
N THR B 55 -7.40 2.95 -17.03
CA THR B 55 -8.36 3.53 -18.00
C THR B 55 -7.84 3.50 -19.43
N ARG B 56 -6.60 3.97 -19.64
CA ARG B 56 -6.07 4.11 -20.99
C ARG B 56 -5.43 2.87 -21.56
N LEU B 57 -4.56 2.21 -20.78
CA LEU B 57 -3.86 1.04 -21.34
C LEU B 57 -4.78 -0.18 -21.37
N PHE B 58 -5.38 -0.53 -20.23
CA PHE B 58 -6.20 -1.74 -20.17
C PHE B 58 -7.61 -1.58 -20.71
N ARG B 59 -8.42 -0.75 -20.05
CA ARG B 59 -9.83 -0.62 -20.40
C ARG B 59 -10.05 -0.22 -21.86
N THR B 60 -9.45 0.90 -22.27
CA THR B 60 -9.63 1.41 -23.63
C THR B 60 -8.98 0.45 -24.65
N GLY B 61 -7.87 -0.20 -24.29
CA GLY B 61 -7.24 -1.17 -25.18
C GLY B 61 -8.14 -2.37 -25.43
N MET B 62 -8.83 -2.86 -24.39
CA MET B 62 -9.75 -4.00 -24.54
C MET B 62 -10.95 -3.58 -25.40
N LEU B 63 -11.46 -2.36 -25.21
CA LEU B 63 -12.59 -1.90 -26.02
C LEU B 63 -12.20 -1.76 -27.49
N GLU B 64 -10.99 -1.27 -27.77
CA GLU B 64 -10.55 -1.03 -29.15
C GLU B 64 -9.97 -2.23 -29.91
N GLU B 65 -9.43 -3.25 -29.19
N GLU B 65 -9.09 -3.00 -29.29
CA GLU B 65 -8.84 -4.46 -29.81
CA GLU B 65 -8.38 -4.06 -29.98
C GLU B 65 -9.61 -5.77 -29.63
C GLU B 65 -9.06 -5.41 -29.86
N LEU B 66 -10.35 -5.94 -28.54
N LEU B 66 -9.78 -5.64 -28.76
CA LEU B 66 -11.01 -7.22 -28.26
CA LEU B 66 -10.49 -6.91 -28.56
C LEU B 66 -12.53 -7.23 -28.50
C LEU B 66 -11.99 -6.80 -28.86
N HIS B 67 -13.13 -8.44 -28.55
N HIS B 67 -12.53 -5.57 -28.92
CA HIS B 67 -14.56 -8.61 -28.77
CA HIS B 67 -13.96 -5.29 -29.09
C HIS B 67 -15.19 -9.19 -27.49
C HIS B 67 -14.79 -5.99 -28.03
N LEU B 68 -15.03 -8.47 -26.36
N LEU B 68 -14.28 -6.02 -26.79
CA LEU B 68 -15.59 -8.94 -25.10
CA LEU B 68 -14.99 -6.65 -25.68
C LEU B 68 -17.09 -8.72 -25.07
C LEU B 68 -16.24 -5.86 -25.36
N GLU B 69 -17.81 -9.58 -24.37
N GLU B 69 -17.27 -6.56 -24.89
CA GLU B 69 -19.28 -9.45 -24.25
CA GLU B 69 -18.55 -5.99 -24.50
C GLU B 69 -19.65 -8.19 -23.45
C GLU B 69 -18.33 -4.99 -23.36
N PRO B 70 -20.78 -7.51 -23.76
N PRO B 70 -18.95 -3.80 -23.46
CA PRO B 70 -21.12 -6.27 -23.03
CA PRO B 70 -18.78 -2.78 -22.41
C PRO B 70 -21.13 -6.39 -21.49
C PRO B 70 -19.06 -3.26 -20.99
N GLY B 71 -20.62 -5.36 -20.82
N GLY B 71 -20.04 -4.15 -20.82
CA GLY B 71 -20.57 -5.36 -19.36
CA GLY B 71 -20.37 -4.70 -19.51
C GLY B 71 -19.35 -6.06 -18.78
C GLY B 71 -19.25 -5.56 -18.95
N VAL B 72 -18.52 -6.69 -19.62
N VAL B 72 -18.60 -6.37 -19.80
CA VAL B 72 -17.32 -7.37 -19.16
CA VAL B 72 -17.49 -7.22 -19.38
C VAL B 72 -16.22 -6.35 -18.79
C VAL B 72 -16.33 -6.35 -18.87
N VAL B 73 -15.97 -5.34 -19.65
CA VAL B 73 -14.92 -4.36 -19.34
C VAL B 73 -15.26 -3.55 -18.08
N GLN B 74 -16.55 -3.19 -17.90
CA GLN B 74 -16.98 -2.48 -16.68
CA GLN B 74 -17.02 -2.49 -16.69
C GLN B 74 -16.79 -3.35 -15.44
N GLY B 75 -16.97 -4.68 -15.58
CA GLY B 75 -16.78 -5.62 -14.48
C GLY B 75 -15.31 -5.76 -14.08
N LEU B 76 -14.39 -5.63 -15.05
CA LEU B 76 -12.96 -5.73 -14.77
C LEU B 76 -12.47 -4.44 -14.12
N PHE B 77 -13.00 -3.28 -14.55
CA PHE B 77 -12.52 -1.97 -14.08
C PHE B 77 -13.67 -1.13 -13.51
N PRO B 78 -14.31 -1.58 -12.40
CA PRO B 78 -15.43 -0.81 -11.85
C PRO B 78 -15.01 0.59 -11.39
N CYS B 79 -15.83 1.63 -11.65
CA CYS B 79 -15.64 3.00 -11.15
C CYS B 79 -14.35 3.68 -11.55
N VAL B 80 -13.57 3.14 -12.51
CA VAL B 80 -12.25 3.74 -12.81
CA VAL B 80 -12.27 3.72 -12.80
C VAL B 80 -12.33 5.19 -13.30
N ASP B 81 -13.38 5.56 -14.09
CA ASP B 81 -13.45 6.97 -14.54
C ASP B 81 -13.72 7.89 -13.33
N GLU B 82 -14.61 7.48 -12.42
CA GLU B 82 -14.93 8.28 -11.24
CA GLU B 82 -14.90 8.30 -11.24
C GLU B 82 -13.68 8.41 -10.33
N LEU B 83 -12.95 7.30 -10.15
CA LEU B 83 -11.73 7.31 -9.31
C LEU B 83 -10.69 8.23 -9.95
N SER B 84 -10.55 8.16 -11.29
CA SER B 84 -9.60 9.03 -12.00
C SER B 84 -9.98 10.50 -11.80
N ASP B 85 -11.28 10.85 -11.88
CA ASP B 85 -11.72 12.23 -11.70
C ASP B 85 -11.42 12.73 -10.28
N ILE B 86 -11.71 11.91 -9.25
CA ILE B 86 -11.43 12.31 -7.87
C ILE B 86 -9.91 12.63 -7.65
N HIS B 87 -9.05 11.68 -8.05
CA HIS B 87 -7.64 11.80 -7.72
C HIS B 87 -6.90 12.72 -8.64
N THR B 88 -7.32 12.84 -9.91
CA THR B 88 -6.66 13.79 -10.82
C THR B 88 -6.92 15.24 -10.28
N ARG B 89 -8.15 15.49 -9.81
CA ARG B 89 -8.48 16.78 -9.25
C ARG B 89 -7.67 17.05 -7.98
N PHE B 90 -7.57 16.07 -7.08
CA PHE B 90 -6.83 16.23 -5.84
C PHE B 90 -5.34 16.46 -6.15
N LEU B 91 -4.78 15.67 -7.07
CA LEU B 91 -3.36 15.83 -7.48
C LEU B 91 -3.15 17.24 -8.06
N SER B 92 -4.12 17.72 -8.86
CA SER B 92 -4.01 19.05 -9.44
CA SER B 92 -4.01 19.05 -9.44
C SER B 92 -3.88 20.12 -8.35
N GLN B 93 -4.67 20.01 -7.29
CA GLN B 93 -4.62 20.95 -6.18
C GLN B 93 -3.27 20.87 -5.44
N LEU B 94 -2.76 19.64 -5.21
CA LEU B 94 -1.47 19.49 -4.51
C LEU B 94 -0.33 20.10 -5.33
N LEU B 95 -0.32 19.82 -6.66
CA LEU B 95 0.72 20.33 -7.55
C LEU B 95 0.63 21.85 -7.70
N GLU B 96 -0.59 22.43 -7.67
CA GLU B 96 -0.71 23.89 -7.76
C GLU B 96 -0.19 24.56 -6.48
N ARG B 97 -0.40 23.92 -5.31
CA ARG B 97 0.10 24.47 -4.06
C ARG B 97 1.64 24.49 -4.08
N ARG B 98 2.24 23.41 -4.59
CA ARG B 98 3.69 23.34 -4.74
C ARG B 98 4.17 24.42 -5.73
N ARG B 99 3.51 24.53 -6.90
CA ARG B 99 3.93 25.47 -7.92
CA ARG B 99 3.89 25.47 -7.94
C ARG B 99 3.87 26.93 -7.44
N GLN B 100 2.80 27.31 -6.72
CA GLN B 100 2.69 28.67 -6.17
C GLN B 100 3.81 28.95 -5.18
N ALA B 101 4.30 27.92 -4.46
CA ALA B 101 5.33 28.06 -3.44
C ALA B 101 6.77 28.13 -4.00
N LEU B 102 6.95 27.91 -5.31
CA LEU B 102 8.32 27.94 -5.88
C LEU B 102 8.96 29.31 -5.75
N CYS B 103 10.26 29.36 -5.48
CA CYS B 103 10.98 30.63 -5.51
C CYS B 103 11.05 31.13 -6.94
N PRO B 104 10.93 32.43 -7.17
CA PRO B 104 11.16 32.97 -8.53
C PRO B 104 12.55 32.58 -9.03
N GLY B 105 12.62 32.17 -10.28
CA GLY B 105 13.87 31.70 -10.87
C GLY B 105 14.13 30.23 -10.64
N SER B 106 13.22 29.52 -9.93
CA SER B 106 13.41 28.09 -9.68
C SER B 106 12.22 27.24 -10.07
N THR B 107 12.49 26.03 -10.57
CA THR B 107 11.41 25.06 -10.82
C THR B 107 11.48 23.90 -9.79
N ARG B 108 12.36 23.99 -8.75
CA ARG B 108 12.44 22.92 -7.77
C ARG B 108 12.46 23.34 -6.30
N ASN B 109 12.81 24.59 -5.99
CA ASN B 109 12.92 25.04 -4.60
C ASN B 109 11.61 25.63 -4.08
N PHE B 110 10.99 24.95 -3.11
CA PHE B 110 9.73 25.40 -2.51
C PHE B 110 9.60 24.82 -1.09
N VAL B 111 8.70 25.44 -0.31
CA VAL B 111 8.29 24.95 0.99
C VAL B 111 6.75 25.09 1.04
N ILE B 112 6.02 24.01 1.37
CA ILE B 112 4.57 24.09 1.52
C ILE B 112 4.32 24.21 3.04
N HIS B 113 3.80 25.36 3.45
CA HIS B 113 3.49 25.62 4.87
C HIS B 113 2.04 25.33 5.26
N ARG B 114 1.11 25.30 4.28
N ARG B 114 1.17 25.38 4.26
CA ARG B 114 -0.34 25.22 4.55
CA ARG B 114 -0.24 25.21 4.42
C ARG B 114 -1.13 24.05 3.96
C ARG B 114 -0.64 24.05 3.54
N LEU B 115 -0.58 22.85 4.04
N LEU B 115 -0.80 22.90 4.16
CA LEU B 115 -1.28 21.67 3.52
CA LEU B 115 -1.31 21.69 3.52
C LEU B 115 -2.63 21.33 4.21
C LEU B 115 -2.64 21.31 4.21
N GLY B 116 -2.74 21.55 5.52
CA GLY B 116 -3.93 21.19 6.29
C GLY B 116 -5.27 21.60 5.68
N ASP B 117 -5.35 22.87 5.24
CA ASP B 117 -6.60 23.38 4.66
CA ASP B 117 -6.59 23.38 4.67
C ASP B 117 -6.97 22.63 3.39
N LEU B 118 -5.98 22.27 2.58
CA LEU B 118 -6.22 21.53 1.33
C LEU B 118 -6.80 20.15 1.69
N LEU B 119 -6.20 19.49 2.70
CA LEU B 119 -6.68 18.17 3.10
C LEU B 119 -8.10 18.22 3.71
N ILE B 120 -8.42 19.28 4.50
CA ILE B 120 -9.77 19.40 5.06
C ILE B 120 -10.77 19.54 3.91
N SER B 121 -10.43 20.36 2.90
CA SER B 121 -11.32 20.57 1.76
CA SER B 121 -11.30 20.56 1.75
C SER B 121 -11.53 19.22 1.01
N GLN B 122 -10.43 18.49 0.73
CA GLN B 122 -10.56 17.21 0.05
C GLN B 122 -11.43 16.19 0.82
N PHE B 123 -11.28 16.12 2.13
CA PHE B 123 -11.95 15.11 2.93
C PHE B 123 -13.20 15.64 3.67
N SER B 124 -13.84 16.69 3.13
CA SER B 124 -15.12 17.16 3.66
C SER B 124 -16.04 17.56 2.50
N GLY B 125 -17.33 17.80 2.79
CA GLY B 125 -18.29 18.24 1.78
C GLY B 125 -18.52 17.27 0.62
N PRO B 126 -18.99 17.80 -0.54
CA PRO B 126 -19.28 16.92 -1.67
C PRO B 126 -18.12 16.03 -2.12
N SER B 127 -16.85 16.53 -2.09
CA SER B 127 -15.76 15.65 -2.55
C SER B 127 -15.62 14.42 -1.62
N ALA B 128 -15.79 14.58 -0.28
CA ALA B 128 -15.70 13.42 0.62
C ALA B 128 -16.87 12.45 0.38
N GLU B 129 -18.09 13.00 0.13
CA GLU B 129 -19.26 12.13 -0.14
C GLU B 129 -19.01 11.33 -1.44
N GLN B 130 -18.42 11.96 -2.45
CA GLN B 130 -18.11 11.26 -3.71
CA GLN B 130 -18.09 11.30 -3.72
C GLN B 130 -17.03 10.21 -3.48
N MET B 131 -15.99 10.53 -2.67
CA MET B 131 -14.93 9.53 -2.38
C MET B 131 -15.55 8.33 -1.65
N CYS B 132 -16.42 8.60 -0.68
CA CYS B 132 -17.06 7.52 0.09
C CYS B 132 -17.94 6.65 -0.82
N LYS B 133 -18.78 7.28 -1.66
CA LYS B 133 -19.66 6.50 -2.54
C LYS B 133 -18.85 5.65 -3.53
N THR B 134 -17.81 6.26 -4.11
CA THR B 134 -17.00 5.57 -5.12
C THR B 134 -16.18 4.41 -4.53
N TYR B 135 -15.48 4.63 -3.38
CA TYR B 135 -14.70 3.52 -2.78
C TYR B 135 -15.61 2.42 -2.21
N SER B 136 -16.80 2.78 -1.72
CA SER B 136 -17.72 1.73 -1.18
C SER B 136 -18.15 0.80 -2.36
N GLU B 137 -18.39 1.40 -3.54
CA GLU B 137 -18.77 0.67 -4.73
C GLU B 137 -17.56 -0.13 -5.28
N PHE B 138 -16.39 0.54 -5.46
CA PHE B 138 -15.18 -0.12 -5.97
C PHE B 138 -14.76 -1.30 -5.08
N CYS B 139 -14.62 -1.06 -3.77
CA CYS B 139 -14.13 -2.11 -2.87
C CYS B 139 -15.12 -3.26 -2.76
N SER B 140 -16.44 -2.99 -2.94
CA SER B 140 -17.42 -4.10 -2.93
C SER B 140 -17.40 -4.93 -4.22
N ARG B 141 -16.78 -4.40 -5.30
CA ARG B 141 -16.68 -5.09 -6.59
C ARG B 141 -15.29 -5.68 -6.88
N HIS B 142 -14.38 -5.57 -5.89
CA HIS B 142 -12.98 -5.94 -5.99
C HIS B 142 -12.84 -7.43 -6.27
N SER B 143 -13.45 -8.31 -5.44
CA SER B 143 -13.35 -9.76 -5.63
CA SER B 143 -13.34 -9.75 -5.62
C SER B 143 -13.90 -10.21 -6.98
N LYS B 144 -15.04 -9.63 -7.40
CA LYS B 144 -15.68 -9.97 -8.66
C LYS B 144 -14.76 -9.61 -9.84
N ALA B 145 -14.10 -8.45 -9.74
CA ALA B 145 -13.20 -8.00 -10.83
C ALA B 145 -12.03 -9.01 -10.97
N LEU B 146 -11.45 -9.44 -9.84
CA LEU B 146 -10.31 -10.39 -9.88
C LEU B 146 -10.73 -11.73 -10.47
N LYS B 147 -11.92 -12.22 -10.10
CA LYS B 147 -12.41 -13.51 -10.61
C LYS B 147 -12.72 -13.44 -12.09
N LEU B 148 -13.29 -12.32 -12.54
CA LEU B 148 -13.60 -12.15 -13.96
C LEU B 148 -12.30 -12.12 -14.77
N TYR B 149 -11.28 -11.44 -14.24
CA TYR B 149 -9.98 -11.36 -14.90
C TYR B 149 -9.37 -12.76 -15.07
N LYS B 150 -9.34 -13.53 -13.96
CA LYS B 150 -8.74 -14.86 -13.99
C LYS B 150 -9.47 -15.78 -14.96
N GLU B 151 -10.81 -15.68 -15.01
CA GLU B 151 -11.60 -16.50 -15.92
CA GLU B 151 -11.60 -16.49 -15.93
C GLU B 151 -11.26 -16.17 -17.39
N LEU B 152 -11.22 -14.88 -17.73
CA LEU B 152 -10.91 -14.46 -19.09
C LEU B 152 -9.49 -14.83 -19.50
N TYR B 153 -8.51 -14.65 -18.59
CA TYR B 153 -7.11 -14.97 -18.91
C TYR B 153 -6.94 -16.47 -19.18
N ALA B 154 -7.67 -17.32 -18.45
CA ALA B 154 -7.51 -18.75 -18.61
C ALA B 154 -8.26 -19.33 -19.81
N ARG B 155 -9.34 -18.67 -20.25
CA ARG B 155 -10.16 -19.23 -21.32
CA ARG B 155 -10.23 -19.18 -21.29
C ARG B 155 -10.15 -18.50 -22.66
N ASP B 156 -9.75 -17.21 -22.70
CA ASP B 156 -9.75 -16.44 -23.96
C ASP B 156 -8.34 -16.14 -24.47
N LYS B 157 -7.97 -16.80 -25.59
CA LYS B 157 -6.66 -16.65 -26.21
C LYS B 157 -6.31 -15.21 -26.59
N ARG B 158 -7.23 -14.50 -27.26
CA ARG B 158 -6.97 -13.12 -27.66
C ARG B 158 -6.80 -12.21 -26.39
N PHE B 159 -7.54 -12.51 -25.33
CA PHE B 159 -7.42 -11.74 -24.07
C PHE B 159 -6.04 -11.95 -23.45
N GLN B 160 -5.59 -13.22 -23.42
CA GLN B 160 -4.29 -13.57 -22.87
C GLN B 160 -3.17 -12.88 -23.66
N GLN B 161 -3.26 -12.91 -25.03
CA GLN B 161 -2.25 -12.27 -25.86
C GLN B 161 -2.22 -10.76 -25.61
N PHE B 162 -3.41 -10.14 -25.47
CA PHE B 162 -3.51 -8.70 -25.21
C PHE B 162 -2.80 -8.35 -23.88
N ILE B 163 -3.12 -9.09 -22.80
CA ILE B 163 -2.52 -8.84 -21.49
C ILE B 163 -1.01 -9.00 -21.53
N ARG B 164 -0.54 -10.12 -22.10
CA ARG B 164 0.88 -10.39 -22.16
C ARG B 164 1.61 -9.30 -22.99
N LYS B 165 0.95 -8.78 -24.03
CA LYS B 165 1.52 -7.76 -24.88
C LYS B 165 1.72 -6.42 -24.13
N VAL B 166 0.64 -5.92 -23.51
CA VAL B 166 0.70 -4.59 -22.89
C VAL B 166 1.40 -4.58 -21.54
N THR B 167 1.53 -5.74 -20.88
CA THR B 167 2.27 -5.80 -19.61
C THR B 167 3.71 -6.26 -19.77
N ARG B 168 4.18 -6.53 -21.00
CA ARG B 168 5.56 -6.96 -21.24
C ARG B 168 6.61 -5.91 -20.87
N PRO B 169 6.41 -4.59 -21.16
CA PRO B 169 7.46 -3.60 -20.85
C PRO B 169 7.85 -3.60 -19.38
N ALA B 170 9.14 -3.38 -19.08
CA ALA B 170 9.60 -3.38 -17.68
C ALA B 170 8.90 -2.30 -16.83
N VAL B 171 8.48 -1.18 -17.44
CA VAL B 171 7.79 -0.13 -16.66
C VAL B 171 6.41 -0.60 -16.15
N LEU B 172 5.87 -1.72 -16.67
CA LEU B 172 4.57 -2.27 -16.19
C LEU B 172 4.77 -3.44 -15.19
N LYS B 173 6.02 -3.70 -14.76
CA LYS B 173 6.34 -4.84 -13.89
C LYS B 173 5.45 -4.97 -12.67
N ARG B 174 5.13 -3.83 -12.02
CA ARG B 174 4.30 -3.82 -10.79
C ARG B 174 2.82 -3.57 -11.07
N HIS B 175 2.42 -3.42 -12.34
CA HIS B 175 1.10 -2.95 -12.71
C HIS B 175 0.29 -3.86 -13.63
N GLY B 176 0.27 -5.15 -13.32
CA GLY B 176 -0.69 -6.04 -13.97
C GLY B 176 -2.11 -5.66 -13.51
N VAL B 177 -3.15 -6.27 -14.11
CA VAL B 177 -4.55 -5.90 -13.78
C VAL B 177 -4.86 -6.09 -12.29
N GLN B 178 -4.53 -7.27 -11.75
CA GLN B 178 -4.86 -7.54 -10.34
C GLN B 178 -4.04 -6.62 -9.39
N GLU B 179 -2.81 -6.33 -9.76
CA GLU B 179 -1.92 -5.45 -8.98
C GLU B 179 -2.51 -4.04 -8.97
N CYS B 180 -3.02 -3.54 -10.12
CA CYS B 180 -3.65 -2.22 -10.15
C CYS B 180 -4.85 -2.13 -9.20
N ILE B 181 -5.72 -3.18 -9.24
CA ILE B 181 -6.92 -3.18 -8.41
C ILE B 181 -6.55 -3.10 -6.93
N LEU B 182 -5.56 -3.92 -6.49
CA LEU B 182 -5.18 -3.87 -5.08
C LEU B 182 -4.45 -2.56 -4.72
N LEU B 183 -3.65 -1.99 -5.66
CA LEU B 183 -3.00 -0.69 -5.39
C LEU B 183 -4.06 0.40 -5.12
N VAL B 184 -5.18 0.35 -5.86
CA VAL B 184 -6.24 1.34 -5.70
C VAL B 184 -6.97 1.12 -4.37
N THR B 185 -7.38 -0.13 -4.06
CA THR B 185 -8.01 -0.43 -2.79
C THR B 185 -7.14 -0.02 -1.58
N GLN B 186 -5.81 -0.23 -1.68
CA GLN B 186 -4.94 0.12 -0.55
C GLN B 186 -4.62 1.61 -0.45
N ARG B 187 -4.90 2.41 -1.51
CA ARG B 187 -4.50 3.83 -1.45
C ARG B 187 -5.14 4.56 -0.27
N ILE B 188 -6.46 4.36 -0.08
CA ILE B 188 -7.17 5.14 0.91
C ILE B 188 -6.66 4.93 2.33
N THR B 189 -6.15 3.72 2.63
CA THR B 189 -5.64 3.47 3.98
C THR B 189 -4.18 3.96 4.15
N LYS B 190 -3.52 4.50 3.09
CA LYS B 190 -2.20 5.08 3.26
C LYS B 190 -2.33 6.51 3.85
N TYR B 191 -3.45 7.21 3.57
CA TYR B 191 -3.58 8.62 3.96
C TYR B 191 -3.36 8.90 5.47
N PRO B 192 -3.99 8.15 6.41
CA PRO B 192 -3.77 8.47 7.82
C PRO B 192 -2.31 8.35 8.21
N LEU B 193 -1.58 7.36 7.67
CA LEU B 193 -0.18 7.16 8.00
CA LEU B 193 -0.17 7.18 8.03
C LEU B 193 0.65 8.39 7.56
N LEU B 194 0.42 8.87 6.33
CA LEU B 194 1.14 10.03 5.81
C LEU B 194 0.76 11.31 6.59
N ILE B 195 -0.54 11.54 6.80
CA ILE B 195 -1.01 12.73 7.50
C ILE B 195 -0.51 12.78 8.94
N SER B 196 -0.53 11.62 9.67
CA SER B 196 -0.04 11.60 11.04
CA SER B 196 -0.05 11.62 11.05
CA SER B 196 -0.04 11.61 11.05
C SER B 196 1.45 11.99 11.11
N ARG B 197 2.25 11.48 10.14
CA ARG B 197 3.68 11.80 10.16
C ARG B 197 3.91 13.29 9.78
N ILE B 198 3.10 13.84 8.84
CA ILE B 198 3.23 15.29 8.54
C ILE B 198 2.88 16.11 9.81
N LEU B 199 1.81 15.72 10.48
CA LEU B 199 1.36 16.39 11.71
C LEU B 199 2.46 16.37 12.80
N GLN B 200 3.18 15.27 12.95
CA GLN B 200 4.28 15.13 13.91
C GLN B 200 5.33 16.25 13.73
N HIS B 201 5.52 16.72 12.51
CA HIS B 201 6.51 17.76 12.20
C HIS B 201 5.87 19.12 11.85
N SER B 202 4.61 19.33 12.27
CA SER B 202 3.92 20.58 11.93
C SER B 202 3.46 21.35 13.18
N HIS B 203 4.19 21.23 14.29
CA HIS B 203 3.80 21.93 15.51
C HIS B 203 4.21 23.42 15.56
N GLY B 204 5.09 23.84 14.67
CA GLY B 204 5.63 25.21 14.63
C GLY B 204 4.57 26.29 14.49
N ILE B 205 3.51 26.00 13.73
CA ILE B 205 2.41 26.95 13.55
CA ILE B 205 2.42 26.95 13.54
C ILE B 205 1.18 26.29 14.10
N GLU B 206 0.63 26.82 15.19
CA GLU B 206 -0.54 26.19 15.84
C GLU B 206 -1.74 26.03 14.92
N GLU B 207 -2.02 27.02 14.03
CA GLU B 207 -3.14 26.85 13.11
C GLU B 207 -2.91 25.65 12.16
N GLU B 208 -1.65 25.35 11.81
CA GLU B 208 -1.34 24.21 10.93
C GLU B 208 -1.52 22.88 11.66
N ARG B 209 -1.04 22.79 12.91
CA ARG B 209 -1.23 21.60 13.74
C ARG B 209 -2.74 21.33 13.91
N GLN B 210 -3.53 22.38 14.19
CA GLN B 210 -4.98 22.20 14.33
C GLN B 210 -5.63 21.71 13.01
N ASP B 211 -5.24 22.33 11.89
CA ASP B 211 -5.82 21.95 10.59
C ASP B 211 -5.50 20.50 10.19
N LEU B 212 -4.26 20.05 10.43
CA LEU B 212 -3.89 18.67 10.10
C LEU B 212 -4.58 17.69 11.07
N THR B 213 -4.82 18.11 12.34
CA THR B 213 -5.54 17.27 13.29
C THR B 213 -6.98 17.08 12.80
N THR B 214 -7.62 18.19 12.33
CA THR B 214 -8.97 18.08 11.78
C THR B 214 -8.97 17.17 10.53
N ALA B 215 -7.98 17.35 9.64
CA ALA B 215 -7.91 16.54 8.40
C ALA B 215 -7.78 15.06 8.72
N LEU B 216 -6.93 14.73 9.72
CA LEU B 216 -6.72 13.32 10.09
C LEU B 216 -8.03 12.70 10.56
N GLY B 217 -8.79 13.44 11.36
CA GLY B 217 -10.09 12.98 11.84
C GLY B 217 -11.07 12.75 10.70
N LEU B 218 -11.08 13.67 9.70
CA LEU B 218 -12.00 13.52 8.56
C LEU B 218 -11.63 12.29 7.72
N VAL B 219 -10.33 12.05 7.50
CA VAL B 219 -9.88 10.89 6.74
C VAL B 219 -10.30 9.60 7.45
N LYS B 220 -10.11 9.55 8.79
CA LYS B 220 -10.54 8.34 9.53
C LYS B 220 -12.04 8.14 9.47
N GLU B 221 -12.84 9.22 9.49
CA GLU B 221 -14.30 9.12 9.39
CA GLU B 221 -14.30 9.11 9.40
C GLU B 221 -14.67 8.53 8.02
N LEU B 222 -14.02 8.99 6.94
CA LEU B 222 -14.28 8.51 5.59
C LEU B 222 -13.95 6.99 5.55
N LEU B 223 -12.79 6.60 6.07
CA LEU B 223 -12.40 5.19 6.05
C LEU B 223 -13.38 4.30 6.81
N SER B 224 -13.83 4.77 7.99
CA SER B 224 -14.80 4.00 8.77
CA SER B 224 -14.80 4.02 8.79
C SER B 224 -16.10 3.82 8.01
N ASN B 225 -16.57 4.88 7.31
CA ASN B 225 -17.82 4.81 6.54
C ASN B 225 -17.65 3.84 5.36
N VAL B 226 -16.51 3.91 4.64
CA VAL B 226 -16.28 3.01 3.51
C VAL B 226 -16.24 1.53 4.01
N ASP B 227 -15.47 1.29 5.08
CA ASP B 227 -15.33 -0.06 5.64
C ASP B 227 -16.70 -0.63 6.05
N GLU B 228 -17.59 0.22 6.63
CA GLU B 228 -18.92 -0.26 7.02
C GLU B 228 -19.86 -0.47 5.81
N GLY B 229 -19.55 0.13 4.67
CA GLY B 229 -20.40 0.04 3.50
C GLY B 229 -19.98 -1.00 2.48
N ILE B 230 -19.04 -1.90 2.84
CA ILE B 230 -18.54 -2.93 1.93
C ILE B 230 -19.22 -4.29 2.18
N TYR B 231 -19.66 -4.92 1.09
CA TYR B 231 -20.18 -6.29 1.07
C TYR B 231 -19.77 -6.82 -0.31
N GLN B 232 -18.91 -7.86 -0.37
CA GLN B 232 -18.44 -8.35 -1.67
C GLN B 232 -19.52 -8.94 -2.54
N LEU B 233 -19.61 -8.43 -3.76
CA LEU B 233 -20.51 -8.94 -4.76
C LEU B 233 -19.87 -10.20 -5.33
N GLU B 234 -20.72 -11.13 -5.74
CA GLU B 234 -20.23 -12.38 -6.32
C GLU B 234 -21.13 -12.77 -7.45
N LYS B 235 -20.55 -13.03 -8.63
CA LYS B 235 -21.33 -13.47 -9.78
C LYS B 235 -22.02 -14.80 -9.46
N GLY B 236 -23.31 -14.90 -9.77
CA GLY B 236 -24.05 -16.13 -9.50
C GLY B 236 -24.48 -16.31 -8.05
N ALA B 237 -24.24 -15.31 -7.17
CA ALA B 237 -24.69 -15.43 -5.78
C ALA B 237 -26.22 -15.35 -5.78
N ARG B 238 -26.85 -16.22 -5.03
CA ARG B 238 -28.30 -16.25 -4.97
C ARG B 238 -28.80 -15.33 -3.87
N LEU B 239 -30.03 -14.84 -4.03
CA LEU B 239 -30.66 -13.97 -3.03
CA LEU B 239 -30.63 -13.97 -3.02
C LEU B 239 -30.61 -14.61 -1.62
N GLN B 240 -30.90 -15.93 -1.53
CA GLN B 240 -30.87 -16.62 -0.23
C GLN B 240 -29.52 -16.51 0.45
N GLU B 241 -28.41 -16.60 -0.31
CA GLU B 241 -27.07 -16.44 0.27
C GLU B 241 -26.86 -15.02 0.80
N ILE B 242 -27.44 -14.03 0.10
CA ILE B 242 -27.32 -12.64 0.50
C ILE B 242 -28.13 -12.34 1.75
N TYR B 243 -29.44 -12.67 1.78
CA TYR B 243 -30.25 -12.34 2.95
C TYR B 243 -29.91 -13.21 4.16
N ASN B 244 -29.11 -14.29 4.01
CA ASN B 244 -28.65 -15.08 5.14
C ASN B 244 -27.21 -14.67 5.53
N ARG B 245 -26.74 -13.46 5.14
CA ARG B 245 -25.41 -12.95 5.49
C ARG B 245 -25.27 -12.90 7.01
#